data_4DOS
#
_entry.id   4DOS
#
_cell.length_a   110.262
_cell.length_b   61.229
_cell.length_c   52.645
_cell.angle_alpha   90.000
_cell.angle_beta   113.860
_cell.angle_gamma   90.000
#
_symmetry.space_group_name_H-M   'C 1 2 1'
#
loop_
_entity.id
_entity.type
_entity.pdbx_description
1 polymer 'Nuclear receptor subfamily 5 group A member 2'
2 polymer 'Nuclear receptor coactivator 2'
3 non-polymer 'PENTAETHYLENE GLYCOL'
4 non-polymer 'DIUNDECYL PHOSPHATIDYL CHOLINE'
5 water water
#
loop_
_entity_poly.entity_id
_entity_poly.type
_entity_poly.pdbx_seq_one_letter_code
_entity_poly.pdbx_strand_id
1 'polypeptide(L)'
;AAASIPHLILELLKCEPDEPQVQAKIMAYLQQEQANRSKHEKLSTFGLMCKMADQTLFSIVEWARSSIFFRELKVDDQMK
LLQNCWSELLILDHIYRQVVHGKEGSIFLVTGQQVDYSIIASQAGATLNNLMSHAQELVAKLRSLQFDQREFVCLKFLVL
FSLDVKNLENFQLVEGVQEQVNAALLDYTMCNYPQQTEKFGQLLLRLPEIRAISMQAEEYLYYKHLNGDVPYNNLLIEML
HA
;
A
2 'polypeptide(L)' KENALLRYLLDKDD B,C
#
# COMPACT_ATOMS: atom_id res chain seq x y z
N ALA A 1 -28.28 -16.38 -5.53
CA ALA A 1 -28.06 -16.64 -6.99
C ALA A 1 -26.58 -16.46 -7.35
N ALA A 2 -26.27 -16.50 -8.65
CA ALA A 2 -24.88 -16.42 -9.13
C ALA A 2 -24.25 -15.05 -8.92
N ALA A 3 -22.97 -15.05 -8.57
CA ALA A 3 -22.20 -13.80 -8.50
C ALA A 3 -21.90 -13.29 -9.90
N SER A 4 -21.70 -11.97 -10.01
CA SER A 4 -21.40 -11.35 -11.29
C SER A 4 -20.16 -10.48 -11.12
N ILE A 5 -19.20 -10.59 -12.02
CA ILE A 5 -18.02 -9.73 -11.94
C ILE A 5 -17.81 -8.96 -13.23
N PRO A 6 -17.83 -7.66 -13.18
CA PRO A 6 -17.61 -6.87 -14.36
C PRO A 6 -16.29 -7.20 -15.00
N HIS A 7 -16.28 -7.21 -16.30
CA HIS A 7 -15.09 -7.49 -16.99
C HIS A 7 -13.90 -6.67 -16.58
N LEU A 8 -14.10 -5.39 -16.36
CA LEU A 8 -13.04 -4.47 -16.00
C LEU A 8 -12.32 -4.94 -14.76
N ILE A 9 -13.10 -5.38 -13.81
CA ILE A 9 -12.61 -5.87 -12.55
C ILE A 9 -11.74 -7.11 -12.70
N LEU A 10 -12.13 -7.98 -13.59
CA LEU A 10 -11.30 -9.10 -13.96
C LEU A 10 -9.93 -8.66 -14.46
N GLU A 11 -9.91 -7.63 -15.27
CA GLU A 11 -8.67 -7.04 -15.73
C GLU A 11 -7.82 -6.48 -14.59
N LEU A 12 -8.43 -5.85 -13.62
CA LEU A 12 -7.71 -5.35 -12.49
C LEU A 12 -7.15 -6.52 -11.69
N LEU A 13 -7.95 -7.51 -11.41
CA LEU A 13 -7.48 -8.66 -10.68
C LEU A 13 -6.23 -9.31 -11.29
N LYS A 14 -6.15 -9.31 -12.59
CA LYS A 14 -5.03 -9.89 -13.28
C LYS A 14 -3.71 -9.21 -12.97
N CYS A 15 -3.76 -7.94 -12.58
CA CYS A 15 -2.58 -7.16 -12.21
C CYS A 15 -2.01 -7.39 -10.79
N GLU A 16 -2.76 -8.08 -9.97
CA GLU A 16 -2.42 -8.35 -8.59
C GLU A 16 -1.12 -9.16 -8.50
N PRO A 17 -0.29 -8.77 -7.57
CA PRO A 17 0.95 -9.46 -7.32
C PRO A 17 0.69 -10.88 -6.84
N ASP A 18 1.65 -11.76 -7.05
CA ASP A 18 1.61 -13.14 -6.58
C ASP A 18 1.88 -13.08 -5.07
N GLU A 19 0.83 -13.14 -4.26
CA GLU A 19 0.97 -12.93 -2.81
C GLU A 19 1.98 -13.89 -2.14
N PRO A 20 1.84 -15.22 -2.36
CA PRO A 20 2.82 -16.15 -1.77
C PRO A 20 4.29 -15.91 -2.17
N GLN A 21 4.54 -15.52 -3.42
CA GLN A 21 5.91 -15.20 -3.87
C GLN A 21 6.47 -13.95 -3.16
N VAL A 22 5.66 -12.91 -3.06
CA VAL A 22 6.06 -11.69 -2.33
C VAL A 22 6.38 -12.02 -0.87
N GLN A 23 5.49 -12.75 -0.22
CA GLN A 23 5.68 -13.16 1.19
C GLN A 23 7.00 -13.92 1.41
N ALA A 24 7.26 -14.91 0.57
CA ALA A 24 8.46 -15.71 0.69
C ALA A 24 9.72 -14.88 0.40
N LYS A 25 9.64 -14.01 -0.60
CA LYS A 25 10.79 -13.17 -0.96
C LYS A 25 11.14 -12.19 0.16
N ILE A 26 10.12 -11.57 0.75
CA ILE A 26 10.36 -10.58 1.79
C ILE A 26 10.91 -11.25 3.06
N MET A 27 10.30 -12.35 3.47
CA MET A 27 10.79 -13.09 4.65
C MET A 27 12.24 -13.56 4.46
N ALA A 28 12.54 -14.14 3.31
CA ALA A 28 13.89 -14.63 3.03
C ALA A 28 14.91 -13.48 3.09
N TYR A 29 14.54 -12.34 2.50
CA TYR A 29 15.39 -11.15 2.51
C TYR A 29 15.72 -10.71 3.95
N LEU A 30 14.68 -10.57 4.77
CA LEU A 30 14.87 -10.15 6.16
C LEU A 30 15.67 -11.15 6.98
N GLN A 31 15.41 -12.44 6.79
CA GLN A 31 16.20 -13.47 7.46
C GLN A 31 17.68 -13.43 7.05
N GLN A 32 17.94 -13.23 5.76
CA GLN A 32 19.32 -13.13 5.27
C GLN A 32 19.99 -11.84 5.79
N GLU A 33 19.23 -10.73 5.79
CA GLU A 33 19.71 -9.46 6.36
C GLU A 33 20.20 -9.59 7.79
N GLN A 34 19.38 -10.23 8.63
CA GLN A 34 19.71 -10.40 10.05
C GLN A 34 20.86 -11.40 10.26
N ALA A 35 20.88 -12.48 9.48
CA ALA A 35 21.94 -13.48 9.56
C ALA A 35 23.31 -12.94 9.15
N ASN A 36 23.31 -11.97 8.23
CA ASN A 36 24.54 -11.31 7.76
C ASN A 36 25.14 -10.37 8.80
N ARG A 37 24.42 -10.14 9.89
CA ARG A 37 24.85 -9.19 10.93
C ARG A 37 25.44 -9.93 12.12
N SER A 38 26.55 -9.42 12.64
CA SER A 38 27.11 -9.98 13.86
C SER A 38 26.20 -9.68 15.05
N LYS A 39 26.46 -10.36 16.17
CA LYS A 39 25.62 -10.27 17.35
C LYS A 39 25.28 -8.84 17.80
N HIS A 40 26.28 -7.95 17.83
CA HIS A 40 26.05 -6.60 18.34
C HIS A 40 25.37 -5.66 17.34
N GLU A 41 25.34 -6.03 16.07
CA GLU A 41 24.75 -5.15 15.05
C GLU A 41 23.43 -5.66 14.50
N LYS A 42 22.80 -6.60 15.23
CA LYS A 42 21.49 -7.13 14.83
C LYS A 42 20.46 -6.00 14.78
N LEU A 43 19.56 -6.05 13.82
CA LEU A 43 18.49 -5.06 13.74
C LEU A 43 17.50 -5.26 14.87
N SER A 44 16.99 -4.16 15.40
CA SER A 44 15.90 -4.22 16.35
C SER A 44 14.61 -4.61 15.62
N THR A 45 13.53 -4.86 16.37
CA THR A 45 12.23 -5.09 15.76
C THR A 45 11.85 -3.92 14.85
N PHE A 46 12.10 -2.71 15.32
CA PHE A 46 11.79 -1.53 14.50
C PHE A 46 12.63 -1.50 13.22
N GLY A 47 13.92 -1.78 13.34
CA GLY A 47 14.80 -1.80 12.18
C GLY A 47 14.33 -2.81 11.14
N LEU A 48 13.94 -3.99 11.59
CA LEU A 48 13.38 -5.03 10.72
C LEU A 48 12.08 -4.62 10.06
N MET A 49 11.20 -3.97 10.83
CA MET A 49 9.92 -3.48 10.29
C MET A 49 10.12 -2.39 9.24
N CYS A 50 11.16 -1.57 9.44
CA CYS A 50 11.50 -0.54 8.45
C CYS A 50 11.94 -1.17 7.13
N LYS A 51 12.73 -2.22 7.21
CA LYS A 51 13.19 -2.91 6.01
C LYS A 51 12.03 -3.69 5.37
N MET A 52 11.16 -4.24 6.21
CA MET A 52 9.96 -4.92 5.73
C MET A 52 9.06 -3.94 4.94
N ALA A 53 8.82 -2.77 5.52
CA ALA A 53 7.96 -1.77 4.88
C ALA A 53 8.58 -1.29 3.57
N ASP A 54 9.91 -1.14 3.56
CA ASP A 54 10.63 -0.76 2.35
C ASP A 54 10.41 -1.78 1.24
N GLN A 55 10.53 -3.06 1.59
CA GLN A 55 10.31 -4.13 0.63
C GLN A 55 8.87 -4.15 0.13
N THR A 56 7.93 -3.88 1.03
CA THR A 56 6.51 -3.81 0.64
C THR A 56 6.27 -2.67 -0.37
N LEU A 57 6.88 -1.51 -0.10
CA LEU A 57 6.80 -0.41 -1.06
C LEU A 57 7.41 -0.76 -2.41
N PHE A 58 8.58 -1.41 -2.41
CA PHE A 58 9.15 -1.90 -3.67
C PHE A 58 8.12 -2.74 -4.43
N SER A 59 7.44 -3.63 -3.70
CA SER A 59 6.41 -4.49 -4.29
C SER A 59 5.24 -3.69 -4.85
N ILE A 60 4.85 -2.63 -4.14
CA ILE A 60 3.76 -1.76 -4.58
C ILE A 60 4.10 -1.03 -5.89
N VAL A 61 5.34 -0.53 -5.99
CA VAL A 61 5.81 0.15 -7.21
C VAL A 61 5.80 -0.84 -8.39
N GLU A 62 6.28 -2.06 -8.14
CA GLU A 62 6.26 -3.07 -9.19
C GLU A 62 4.86 -3.48 -9.63
N TRP A 63 3.92 -3.52 -8.69
CA TRP A 63 2.50 -3.72 -9.00
C TRP A 63 1.96 -2.61 -9.92
N ALA A 64 2.21 -1.36 -9.54
CA ALA A 64 1.70 -0.21 -10.29
C ALA A 64 2.24 -0.22 -11.71
N ARG A 65 3.56 -0.30 -11.85
CA ARG A 65 4.20 -0.14 -13.14
C ARG A 65 3.89 -1.26 -14.11
N SER A 66 3.48 -2.43 -13.61
CA SER A 66 3.07 -3.54 -14.48
C SER A 66 1.55 -3.53 -14.68
N SER A 67 0.88 -2.58 -14.03
CA SER A 67 -0.56 -2.52 -14.07
C SER A 67 -1.07 -1.97 -15.40
N ILE A 68 -2.16 -2.57 -15.84
CA ILE A 68 -2.91 -2.04 -16.95
C ILE A 68 -3.22 -0.57 -16.69
N PHE A 69 -3.15 0.23 -17.76
CA PHE A 69 -3.41 1.67 -17.76
C PHE A 69 -2.27 2.52 -17.21
N PHE A 70 -1.75 2.17 -16.05
CA PHE A 70 -0.69 2.95 -15.42
C PHE A 70 0.60 2.87 -16.25
N ARG A 71 0.87 1.70 -16.78
CA ARG A 71 2.07 1.42 -17.56
C ARG A 71 2.09 2.18 -18.88
N GLU A 72 0.97 2.83 -19.20
CA GLU A 72 0.82 3.62 -20.42
C GLU A 72 1.11 5.09 -20.20
N LEU A 73 1.18 5.51 -18.95
CA LEU A 73 1.51 6.89 -18.63
C LEU A 73 3.01 7.12 -18.82
N LYS A 74 3.39 8.36 -19.13
CA LYS A 74 4.81 8.76 -19.11
C LYS A 74 5.31 8.68 -17.66
N VAL A 75 6.61 8.38 -17.51
CA VAL A 75 7.25 8.24 -16.19
C VAL A 75 6.98 9.44 -15.28
N ASP A 76 7.00 10.65 -15.84
CA ASP A 76 6.75 11.84 -15.04
C ASP A 76 5.34 11.84 -14.43
N ASP A 77 4.36 11.34 -15.18
CA ASP A 77 2.99 11.20 -14.67
C ASP A 77 2.93 10.10 -13.62
N GLN A 78 3.56 8.97 -13.92
CA GLN A 78 3.66 7.85 -12.97
C GLN A 78 4.25 8.29 -11.64
N MET A 79 5.31 9.10 -11.69
CA MET A 79 5.99 9.60 -10.49
C MET A 79 5.05 10.48 -9.67
N LYS A 80 4.38 11.42 -10.33
CA LYS A 80 3.43 12.33 -9.67
C LYS A 80 2.31 11.57 -8.96
N LEU A 81 1.78 10.54 -9.63
CA LEU A 81 0.72 9.72 -9.03
C LEU A 81 1.22 8.94 -7.81
N LEU A 82 2.34 8.25 -7.95
CA LEU A 82 2.92 7.50 -6.82
C LEU A 82 3.43 8.37 -5.68
N GLN A 83 3.99 9.55 -6.00
CA GLN A 83 4.43 10.51 -4.97
C GLN A 83 3.23 10.87 -4.09
N ASN A 84 2.07 11.00 -4.73
CA ASN A 84 0.81 11.36 -4.06
C ASN A 84 0.22 10.27 -3.15
N CYS A 85 0.33 9.01 -3.56
CA CYS A 85 -0.45 7.95 -2.90
C CYS A 85 0.34 6.80 -2.28
N TRP A 86 1.67 6.88 -2.31
CA TRP A 86 2.50 5.73 -1.87
C TRP A 86 2.17 5.22 -0.47
N SER A 87 1.97 6.13 0.48
CA SER A 87 1.67 5.75 1.85
C SER A 87 0.23 5.27 2.01
N GLU A 88 -0.69 5.81 1.21
CA GLU A 88 -2.07 5.33 1.22
C GLU A 88 -2.17 3.89 0.74
N LEU A 89 -1.39 3.55 -0.29
CA LEU A 89 -1.32 2.18 -0.79
C LEU A 89 -0.69 1.21 0.23
N LEU A 90 0.39 1.64 0.88
CA LEU A 90 0.94 0.86 2.01
C LEU A 90 -0.12 0.59 3.09
N ILE A 91 -0.85 1.64 3.49
CA ILE A 91 -1.93 1.51 4.48
C ILE A 91 -3.08 0.59 4.01
N LEU A 92 -3.55 0.80 2.78
CA LEU A 92 -4.62 -0.01 2.21
C LEU A 92 -4.24 -1.49 2.16
N ASP A 93 -3.00 -1.76 1.72
CA ASP A 93 -2.39 -3.08 1.75
C ASP A 93 -2.44 -3.71 3.17
N HIS A 94 -1.96 -2.96 4.15
CA HIS A 94 -1.95 -3.45 5.53
C HIS A 94 -3.37 -3.71 6.06
N ILE A 95 -4.26 -2.76 5.83
CA ILE A 95 -5.65 -2.85 6.27
C ILE A 95 -6.33 -4.07 5.69
N TYR A 96 -6.19 -4.25 4.37
CA TYR A 96 -6.83 -5.36 3.69
C TYR A 96 -6.27 -6.71 4.16
N ARG A 97 -4.97 -6.77 4.39
CA ARG A 97 -4.34 -7.95 4.99
C ARG A 97 -5.04 -8.38 6.28
N GLN A 98 -5.36 -7.42 7.15
CA GLN A 98 -6.05 -7.70 8.40
C GLN A 98 -7.47 -8.19 8.18
N VAL A 99 -8.15 -7.59 7.19
CA VAL A 99 -9.52 -7.95 6.86
C VAL A 99 -9.60 -9.42 6.41
N VAL A 100 -8.67 -9.84 5.55
CA VAL A 100 -8.68 -11.22 5.03
C VAL A 100 -7.98 -12.24 5.94
N HIS A 101 -6.80 -11.89 6.45
CA HIS A 101 -5.95 -12.86 7.16
C HIS A 101 -5.94 -12.70 8.67
N GLY A 102 -6.37 -11.55 9.17
CA GLY A 102 -6.26 -11.23 10.59
C GLY A 102 -7.21 -12.00 11.49
N LYS A 103 -6.77 -12.24 12.72
CA LYS A 103 -7.58 -12.88 13.74
C LYS A 103 -7.65 -11.95 14.94
N GLU A 104 -8.73 -12.08 15.72
CA GLU A 104 -8.94 -11.24 16.90
C GLU A 104 -7.68 -11.16 17.76
N GLY A 105 -7.32 -9.95 18.18
CA GLY A 105 -6.20 -9.76 19.10
C GLY A 105 -4.80 -9.91 18.53
N SER A 106 -4.67 -10.00 17.21
CA SER A 106 -3.35 -10.03 16.58
C SER A 106 -3.30 -9.32 15.22
N ILE A 107 -2.08 -9.06 14.76
CA ILE A 107 -1.83 -8.40 13.48
C ILE A 107 -0.98 -9.29 12.57
N PHE A 108 -1.38 -9.39 11.30
CA PHE A 108 -0.73 -10.26 10.31
C PHE A 108 0.17 -9.41 9.41
N LEU A 109 1.43 -9.81 9.28
CA LEU A 109 2.44 -9.06 8.52
C LEU A 109 2.62 -9.65 7.13
N VAL A 110 3.21 -8.87 6.24
CA VAL A 110 3.42 -9.30 4.85
C VAL A 110 4.25 -10.57 4.77
N THR A 111 5.11 -10.79 5.77
CA THR A 111 5.95 -11.98 5.86
C THR A 111 5.18 -13.23 6.31
N GLY A 112 3.90 -13.06 6.68
CA GLY A 112 3.13 -14.16 7.26
C GLY A 112 3.30 -14.29 8.76
N GLN A 113 4.12 -13.43 9.35
CA GLN A 113 4.23 -13.37 10.80
C GLN A 113 2.96 -12.83 11.44
N GLN A 114 2.65 -13.34 12.63
CA GLN A 114 1.54 -12.82 13.40
C GLN A 114 2.00 -12.23 14.74
N VAL A 115 1.52 -11.04 15.05
CA VAL A 115 1.97 -10.26 16.20
C VAL A 115 0.78 -10.00 17.13
N ASP A 116 0.85 -10.56 18.33
CA ASP A 116 -0.18 -10.42 19.37
C ASP A 116 -0.30 -8.97 19.83
N TYR A 117 -1.55 -8.48 19.92
CA TYR A 117 -1.84 -7.12 20.39
C TYR A 117 -1.09 -6.79 21.68
N SER A 118 -0.98 -7.78 22.55
CA SER A 118 -0.37 -7.60 23.87
C SER A 118 1.11 -7.24 23.77
N ILE A 119 1.82 -7.94 22.87
CA ILE A 119 3.21 -7.63 22.54
C ILE A 119 3.38 -6.16 22.14
N ILE A 120 2.44 -5.67 21.33
CA ILE A 120 2.40 -4.27 20.95
C ILE A 120 1.99 -3.37 22.13
N ALA A 121 0.91 -3.74 22.80
CA ALA A 121 0.40 -2.99 23.96
C ALA A 121 1.49 -2.68 24.98
N SER A 122 2.42 -3.62 25.16
CA SER A 122 3.49 -3.46 26.12
C SER A 122 4.68 -2.68 25.59
N GLN A 123 5.22 -3.08 24.43
CA GLN A 123 6.49 -2.51 23.96
C GLN A 123 6.38 -1.26 23.07
N ALA A 124 5.21 -1.05 22.46
CA ALA A 124 5.00 0.14 21.63
C ALA A 124 4.76 1.39 22.47
N GLY A 125 5.22 2.53 21.98
CA GLY A 125 4.90 3.83 22.59
C GLY A 125 3.50 4.30 22.24
N ALA A 126 3.08 5.42 22.81
CA ALA A 126 1.73 5.96 22.61
C ALA A 126 1.45 6.34 21.14
N THR A 127 2.45 6.89 20.45
CA THR A 127 2.31 7.29 19.05
C THR A 127 1.92 6.09 18.16
N LEU A 128 2.69 5.00 18.24
CA LEU A 128 2.40 3.81 17.47
C LEU A 128 1.09 3.15 17.91
N ASN A 129 0.83 3.14 19.21
CA ASN A 129 -0.44 2.62 19.74
C ASN A 129 -1.66 3.35 19.20
N ASN A 130 -1.55 4.68 19.09
CA ASN A 130 -2.60 5.51 18.54
C ASN A 130 -2.83 5.16 17.07
N LEU A 131 -1.72 5.01 16.35
CA LEU A 131 -1.76 4.64 14.93
C LEU A 131 -2.43 3.29 14.71
N MET A 132 -2.13 2.37 15.48
CA MET A 132 -2.63 1.00 15.35
C MET A 132 -4.09 0.87 15.74
N SER A 133 -4.41 1.73 16.73
CA SER A 133 -5.77 1.86 17.18
C SER A 133 -6.69 2.40 16.07
N HIS A 134 -6.22 3.39 15.33
CA HIS A 134 -7.01 3.94 14.22
C HIS A 134 -7.10 2.95 13.06
N ALA A 135 -5.98 2.30 12.76
CA ALA A 135 -5.95 1.25 11.74
C ALA A 135 -6.94 0.13 12.10
N GLN A 136 -6.94 -0.31 13.36
CA GLN A 136 -7.87 -1.36 13.81
C GLN A 136 -9.34 -0.95 13.68
N GLU A 137 -9.64 0.31 13.96
CA GLU A 137 -10.99 0.86 13.75
C GLU A 137 -11.46 0.74 12.30
N LEU A 138 -10.56 1.05 11.37
CA LEU A 138 -10.88 0.91 9.95
C LEU A 138 -11.04 -0.55 9.53
N VAL A 139 -10.20 -1.42 10.09
CA VAL A 139 -10.31 -2.86 9.82
C VAL A 139 -11.69 -3.39 10.25
N ALA A 140 -12.13 -3.03 11.46
CA ALA A 140 -13.45 -3.44 11.97
C ALA A 140 -14.59 -2.95 11.08
N LYS A 141 -14.47 -1.70 10.62
CA LYS A 141 -15.44 -1.09 9.72
C LYS A 141 -15.55 -1.87 8.43
N LEU A 142 -14.41 -2.19 7.82
CA LEU A 142 -14.38 -2.89 6.54
C LEU A 142 -14.86 -4.35 6.64
N ARG A 143 -14.47 -5.05 7.71
CA ARG A 143 -14.98 -6.40 7.99
C ARG A 143 -16.51 -6.36 8.08
N SER A 144 -17.03 -5.32 8.73
CA SER A 144 -18.47 -5.14 8.91
C SER A 144 -19.21 -4.93 7.59
N LEU A 145 -18.56 -4.26 6.65
CA LEU A 145 -19.11 -4.00 5.33
C LEU A 145 -18.95 -5.19 4.36
N GLN A 146 -18.28 -6.26 4.79
CA GLN A 146 -17.95 -7.40 3.92
C GLN A 146 -17.10 -6.96 2.71
N PHE A 147 -16.10 -6.14 3.00
CA PHE A 147 -15.11 -5.70 2.03
C PHE A 147 -14.41 -6.92 1.42
N ASP A 148 -14.41 -7.03 0.09
CA ASP A 148 -13.83 -8.21 -0.55
C ASP A 148 -12.70 -7.87 -1.56
N GLN A 149 -12.09 -8.90 -2.14
CA GLN A 149 -10.95 -8.69 -3.04
C GLN A 149 -11.27 -7.82 -4.25
N ARG A 150 -12.45 -8.01 -4.83
CA ARG A 150 -12.86 -7.24 -6.00
C ARG A 150 -12.96 -5.75 -5.66
N GLU A 151 -13.54 -5.45 -4.49
CA GLU A 151 -13.67 -4.08 -4.02
C GLU A 151 -12.30 -3.50 -3.64
N PHE A 152 -11.48 -4.34 -3.01
CA PHE A 152 -10.09 -3.97 -2.70
C PHE A 152 -9.30 -3.46 -3.91
N VAL A 153 -9.33 -4.22 -5.02
CA VAL A 153 -8.56 -3.85 -6.21
C VAL A 153 -9.09 -2.57 -6.89
N CYS A 154 -10.41 -2.38 -6.87
CA CYS A 154 -11.00 -1.14 -7.36
C CYS A 154 -10.50 0.05 -6.54
N LEU A 155 -10.55 -0.06 -5.21
CA LEU A 155 -10.06 1.03 -4.36
C LEU A 155 -8.58 1.33 -4.60
N LYS A 156 -7.74 0.29 -4.78
CA LYS A 156 -6.32 0.53 -5.09
C LYS A 156 -6.17 1.38 -6.35
N PHE A 157 -6.94 1.04 -7.38
CA PHE A 157 -6.86 1.82 -8.63
C PHE A 157 -7.37 3.24 -8.44
N LEU A 158 -8.43 3.41 -7.64
CA LEU A 158 -8.97 4.75 -7.38
C LEU A 158 -8.02 5.61 -6.56
N VAL A 159 -7.29 4.99 -5.64
CA VAL A 159 -6.27 5.69 -4.86
C VAL A 159 -5.08 6.10 -5.76
N LEU A 160 -4.66 5.18 -6.63
CA LEU A 160 -3.53 5.43 -7.52
C LEU A 160 -3.83 6.51 -8.58
N PHE A 161 -5.01 6.41 -9.17
CA PHE A 161 -5.40 7.31 -10.25
C PHE A 161 -6.17 8.54 -9.76
N SER A 162 -5.49 9.37 -8.98
CA SER A 162 -6.08 10.56 -8.38
C SER A 162 -6.07 11.75 -9.34
N LEU A 163 -7.23 12.38 -9.47
CA LEU A 163 -7.36 13.62 -10.23
C LEU A 163 -6.95 14.85 -9.42
N ASP A 164 -6.63 14.64 -8.15
CA ASP A 164 -6.26 15.75 -7.26
C ASP A 164 -4.75 16.06 -7.25
N VAL A 165 -4.00 15.52 -8.20
CA VAL A 165 -2.56 15.82 -8.22
C VAL A 165 -2.23 16.87 -9.27
N LYS A 166 -1.30 17.76 -8.95
CA LYS A 166 -0.95 18.90 -9.81
C LYS A 166 -0.10 18.49 -10.99
N ASN A 167 -0.32 19.16 -12.12
CA ASN A 167 0.53 19.08 -13.31
C ASN A 167 0.56 17.71 -14.01
N LEU A 168 -0.56 17.01 -13.93
CA LEU A 168 -0.70 15.72 -14.60
C LEU A 168 -0.87 16.00 -16.09
N GLU A 169 -0.07 15.35 -16.92
CA GLU A 169 -0.10 15.58 -18.37
C GLU A 169 -1.28 14.83 -19.04
N ASN A 170 -1.32 13.52 -18.86
CA ASN A 170 -2.39 12.72 -19.43
C ASN A 170 -3.57 12.60 -18.47
N PHE A 171 -4.18 13.75 -18.16
CA PHE A 171 -5.32 13.79 -17.27
C PHE A 171 -6.54 13.03 -17.83
N GLN A 172 -6.63 12.91 -19.16
CA GLN A 172 -7.75 12.19 -19.79
C GLN A 172 -7.75 10.70 -19.47
N LEU A 173 -6.57 10.08 -19.49
CA LEU A 173 -6.45 8.69 -19.05
C LEU A 173 -6.86 8.53 -17.59
N VAL A 174 -6.38 9.43 -16.73
CA VAL A 174 -6.73 9.41 -15.31
C VAL A 174 -8.25 9.58 -15.08
N GLU A 175 -8.86 10.53 -15.79
CA GLU A 175 -10.31 10.67 -15.79
C GLU A 175 -11.02 9.39 -16.22
N GLY A 176 -10.52 8.78 -17.29
CA GLY A 176 -11.09 7.53 -17.83
C GLY A 176 -11.10 6.40 -16.80
N VAL A 177 -9.98 6.21 -16.12
CA VAL A 177 -9.85 5.15 -15.11
C VAL A 177 -10.79 5.41 -13.93
N GLN A 178 -10.82 6.64 -13.43
CA GLN A 178 -11.75 7.05 -12.37
C GLN A 178 -13.20 6.78 -12.74
N GLU A 179 -13.58 7.18 -13.95
CA GLU A 179 -14.95 6.99 -14.43
C GLU A 179 -15.33 5.50 -14.53
N GLN A 180 -14.47 4.69 -15.14
CA GLN A 180 -14.81 3.29 -15.41
C GLN A 180 -14.67 2.38 -14.18
N VAL A 181 -13.65 2.62 -13.35
CA VAL A 181 -13.50 1.85 -12.12
C VAL A 181 -14.62 2.15 -11.11
N ASN A 182 -14.98 3.43 -10.95
CA ASN A 182 -16.14 3.78 -10.14
C ASN A 182 -17.42 3.08 -10.60
N ALA A 183 -17.65 3.11 -11.90
CA ALA A 183 -18.82 2.45 -12.49
C ALA A 183 -18.83 0.95 -12.24
N ALA A 184 -17.70 0.28 -12.50
CA ALA A 184 -17.61 -1.17 -12.31
C ALA A 184 -17.80 -1.54 -10.83
N LEU A 185 -17.19 -0.76 -9.93
CA LEU A 185 -17.36 -0.99 -8.50
C LEU A 185 -18.83 -0.84 -8.08
N LEU A 186 -19.49 0.20 -8.57
CA LEU A 186 -20.91 0.38 -8.29
C LEU A 186 -21.75 -0.79 -8.82
N ASP A 187 -21.52 -1.19 -10.07
CA ASP A 187 -22.25 -2.34 -10.65
C ASP A 187 -22.04 -3.60 -9.82
N TYR A 188 -20.78 -3.82 -9.44
CA TYR A 188 -20.39 -4.97 -8.61
C TYR A 188 -21.10 -5.02 -7.25
N THR A 189 -21.14 -3.88 -6.55
CA THR A 189 -21.76 -3.84 -5.22
C THR A 189 -23.28 -3.97 -5.31
N MET A 190 -23.89 -3.33 -6.30
CA MET A 190 -25.34 -3.41 -6.54
C MET A 190 -25.81 -4.83 -6.86
N CYS A 191 -25.04 -5.53 -7.69
CA CYS A 191 -25.37 -6.89 -8.12
C CYS A 191 -25.11 -7.92 -7.02
N ASN A 192 -23.97 -7.80 -6.35
CA ASN A 192 -23.50 -8.83 -5.43
C ASN A 192 -23.80 -8.60 -3.95
N TYR A 193 -24.06 -7.36 -3.58
CA TYR A 193 -24.42 -7.04 -2.19
C TYR A 193 -25.70 -6.19 -2.17
N PRO A 194 -26.77 -6.67 -2.83
CA PRO A 194 -27.95 -5.83 -3.02
C PRO A 194 -28.67 -5.45 -1.72
N GLN A 195 -28.50 -6.25 -0.65
CA GLN A 195 -29.08 -5.96 0.66
C GLN A 195 -28.42 -4.76 1.36
N GLN A 196 -27.16 -4.50 1.01
CA GLN A 196 -26.44 -3.34 1.52
C GLN A 196 -26.57 -2.23 0.49
N THR A 197 -27.68 -1.51 0.58
CA THR A 197 -28.09 -0.55 -0.45
C THR A 197 -27.10 0.61 -0.69
N GLU A 198 -26.28 0.92 0.32
CA GLU A 198 -25.32 2.02 0.18
C GLU A 198 -23.86 1.56 0.29
N LYS A 199 -23.60 0.29 0.00
CA LYS A 199 -22.25 -0.26 0.13
C LYS A 199 -21.21 0.56 -0.65
N PHE A 200 -21.51 0.86 -1.91
CA PHE A 200 -20.63 1.68 -2.76
C PHE A 200 -20.19 2.96 -2.05
N GLY A 201 -21.17 3.76 -1.64
CA GLY A 201 -20.91 5.01 -0.94
C GLY A 201 -20.10 4.78 0.32
N GLN A 202 -20.44 3.72 1.06
CA GLN A 202 -19.79 3.40 2.34
C GLN A 202 -18.32 3.04 2.15
N LEU A 203 -18.04 2.33 1.07
CA LEU A 203 -16.65 2.01 0.69
C LEU A 203 -15.85 3.26 0.34
N LEU A 204 -16.44 4.16 -0.46
CA LEU A 204 -15.74 5.41 -0.85
C LEU A 204 -15.40 6.29 0.35
N LEU A 205 -16.29 6.33 1.34
CA LEU A 205 -16.09 7.13 2.55
C LEU A 205 -14.93 6.64 3.41
N ARG A 206 -14.42 5.45 3.12
CA ARG A 206 -13.23 4.95 3.79
C ARG A 206 -11.96 5.62 3.25
N LEU A 207 -12.02 6.15 2.03
CA LEU A 207 -10.83 6.74 1.38
C LEU A 207 -10.19 7.92 2.14
N PRO A 208 -11.01 8.89 2.61
CA PRO A 208 -10.38 9.96 3.41
C PRO A 208 -9.81 9.44 4.75
N GLU A 209 -10.38 8.36 5.27
CA GLU A 209 -9.87 7.72 6.48
C GLU A 209 -8.52 7.07 6.22
N ILE A 210 -8.39 6.42 5.05
CA ILE A 210 -7.12 5.86 4.62
C ILE A 210 -6.06 6.97 4.49
N ARG A 211 -6.41 8.08 3.84
CA ARG A 211 -5.49 9.23 3.75
C ARG A 211 -5.03 9.71 5.14
N ALA A 212 -5.99 9.90 6.05
CA ALA A 212 -5.70 10.37 7.41
C ALA A 212 -4.70 9.44 8.12
N ILE A 213 -4.96 8.13 8.07
CA ILE A 213 -4.06 7.15 8.69
C ILE A 213 -2.68 7.13 8.00
N SER A 214 -2.67 7.33 6.68
CA SER A 214 -1.40 7.35 5.97
C SER A 214 -0.54 8.55 6.37
N MET A 215 -1.18 9.69 6.60
CA MET A 215 -0.47 10.90 7.04
C MET A 215 0.10 10.70 8.44
N GLN A 216 -0.69 10.10 9.31
CA GLN A 216 -0.28 9.75 10.67
C GLN A 216 0.93 8.79 10.65
N ALA A 217 0.90 7.80 9.76
CA ALA A 217 2.00 6.84 9.61
C ALA A 217 3.29 7.50 9.11
N GLU A 218 3.17 8.36 8.11
CA GLU A 218 4.28 9.18 7.61
C GLU A 218 4.90 10.01 8.73
N GLU A 219 4.06 10.62 9.55
CA GLU A 219 4.50 11.46 10.66
C GLU A 219 5.28 10.66 11.71
N TYR A 220 4.74 9.50 12.08
CA TYR A 220 5.41 8.60 13.01
C TYR A 220 6.79 8.19 12.48
N LEU A 221 6.86 7.81 11.21
CA LEU A 221 8.11 7.35 10.62
C LEU A 221 9.14 8.47 10.57
N TYR A 222 8.71 9.65 10.12
CA TYR A 222 9.59 10.81 10.04
C TYR A 222 10.21 11.11 11.41
N TYR A 223 9.39 11.06 12.46
CA TYR A 223 9.85 11.24 13.83
C TYR A 223 10.90 10.22 14.26
N LYS A 224 10.63 8.95 13.98
CA LYS A 224 11.58 7.87 14.25
C LYS A 224 12.90 8.14 13.51
N HIS A 225 12.81 8.63 12.29
CA HIS A 225 13.99 8.95 11.48
C HIS A 225 14.81 10.08 12.11
N LEU A 226 14.11 11.12 12.58
CA LEU A 226 14.77 12.25 13.22
C LEU A 226 15.49 11.87 14.50
N ASN A 227 15.03 10.78 15.13
CA ASN A 227 15.68 10.22 16.32
C ASN A 227 16.82 9.26 15.99
N GLY A 228 17.05 9.01 14.71
CA GLY A 228 18.12 8.13 14.25
C GLY A 228 17.81 6.65 14.32
N ASP A 229 16.52 6.31 14.38
CA ASP A 229 16.07 4.92 14.54
C ASP A 229 15.92 4.13 13.24
N VAL A 230 15.83 4.83 12.11
CA VAL A 230 15.58 4.17 10.83
C VAL A 230 16.92 3.76 10.17
N PRO A 231 17.06 2.46 9.81
CA PRO A 231 18.28 1.98 9.16
C PRO A 231 18.58 2.71 7.85
N TYR A 232 19.86 2.76 7.48
CA TYR A 232 20.32 3.49 6.29
C TYR A 232 19.70 2.97 4.99
N ASN A 233 19.68 3.84 3.97
CA ASN A 233 19.18 3.49 2.62
C ASN A 233 17.72 3.00 2.58
N ASN A 234 16.84 3.76 3.22
CA ASN A 234 15.43 3.41 3.29
C ASN A 234 14.65 4.16 2.19
N LEU A 235 14.00 3.41 1.31
CA LEU A 235 13.22 4.01 0.20
C LEU A 235 11.99 4.79 0.68
N LEU A 236 11.43 4.38 1.82
CA LEU A 236 10.34 5.13 2.46
C LEU A 236 10.82 6.53 2.84
N ILE A 237 12.06 6.63 3.32
CA ILE A 237 12.65 7.93 3.65
C ILE A 237 12.81 8.81 2.40
N GLU A 238 13.21 8.21 1.27
CA GLU A 238 13.30 8.95 0.02
C GLU A 238 11.94 9.50 -0.44
N MET A 239 10.90 8.67 -0.35
CA MET A 239 9.52 9.12 -0.61
C MET A 239 9.10 10.27 0.34
N LEU A 240 9.51 10.18 1.61
CA LEU A 240 9.26 11.25 2.59
C LEU A 240 10.01 12.54 2.25
N HIS A 241 11.27 12.41 1.84
CA HIS A 241 12.11 13.58 1.52
C HIS A 241 11.69 14.31 0.23
N ALA A 242 10.70 13.75 -0.48
CA ALA A 242 10.23 14.30 -1.76
C ALA A 242 8.97 15.16 -1.60
N ASN B 3 12.90 12.91 -7.50
CA ASN B 3 13.04 11.58 -6.82
C ASN B 3 13.73 10.58 -7.76
N ALA B 4 15.06 10.52 -7.68
CA ALA B 4 15.88 9.71 -8.58
C ALA B 4 15.58 8.21 -8.50
N LEU B 5 15.45 7.70 -7.28
CA LEU B 5 15.16 6.28 -7.09
C LEU B 5 13.79 5.89 -7.63
N LEU B 6 12.78 6.71 -7.37
CA LEU B 6 11.45 6.46 -7.91
C LEU B 6 11.46 6.45 -9.44
N ARG B 7 12.09 7.45 -10.04
CA ARG B 7 12.24 7.49 -11.50
C ARG B 7 12.84 6.19 -12.04
N TYR B 8 13.92 5.73 -11.39
CA TYR B 8 14.63 4.53 -11.81
C TYR B 8 13.73 3.29 -11.75
N LEU B 9 13.04 3.11 -10.62
CA LEU B 9 12.18 1.95 -10.42
C LEU B 9 11.10 1.87 -11.49
N LEU B 10 10.65 3.01 -11.96
CA LEU B 10 9.63 3.05 -12.99
C LEU B 10 10.13 2.97 -14.45
N ASP B 11 11.24 3.61 -14.71
CA ASP B 11 11.74 3.75 -16.05
C ASP B 11 12.59 2.54 -16.49
N LYS B 12 13.05 1.77 -15.55
CA LYS B 12 13.93 0.68 -15.87
C LYS B 12 13.30 -0.44 -16.69
N GLU C 2 18.39 6.40 -23.81
CA GLU C 2 18.50 6.70 -22.36
C GLU C 2 18.51 5.42 -21.53
N ASN C 3 19.52 5.28 -20.68
CA ASN C 3 19.61 4.13 -19.77
C ASN C 3 19.19 4.56 -18.36
N ALA C 4 18.16 3.91 -17.82
CA ALA C 4 17.60 4.27 -16.52
C ALA C 4 18.58 4.09 -15.37
N LEU C 5 19.34 3.00 -15.41
CA LEU C 5 20.32 2.71 -14.37
C LEU C 5 21.42 3.78 -14.27
N LEU C 6 22.04 4.11 -15.40
CA LEU C 6 23.09 5.12 -15.42
C LEU C 6 22.57 6.50 -15.01
N ARG C 7 21.37 6.85 -15.49
CA ARG C 7 20.71 8.09 -15.08
C ARG C 7 20.57 8.15 -13.56
N TYR C 8 20.08 7.06 -12.97
CA TYR C 8 19.97 6.96 -11.51
C TYR C 8 21.32 7.15 -10.80
N LEU C 9 22.34 6.44 -11.26
CA LEU C 9 23.67 6.51 -10.64
C LEU C 9 24.27 7.91 -10.71
N LEU C 10 24.03 8.61 -11.82
CA LEU C 10 24.44 10.00 -11.97
C LEU C 10 23.62 10.96 -11.11
N ASP C 11 22.32 10.68 -10.97
CA ASP C 11 21.38 11.62 -10.35
C ASP C 11 21.20 11.45 -8.84
N LYS C 12 21.48 10.26 -8.31
CA LYS C 12 21.25 9.99 -6.88
C LYS C 12 22.18 10.82 -6.00
#